data_4LP9
#
_entry.id   4LP9
#
_cell.length_a   52.620
_cell.length_b   72.787
_cell.length_c   45.113
_cell.angle_alpha   90.00
_cell.angle_beta   108.54
_cell.angle_gamma   90.00
#
_symmetry.space_group_name_H-M   'P 1 21 1'
#
loop_
_entity.id
_entity.type
_entity.pdbx_description
1 polymer Endothiapepsin
2 polymer Ser-Leu-Phe-His-Phenylalanyl-reduced-peptide-bond-Tyrosyl-Thr-Pro
3 non-polymer 'SULFATE ION'
4 non-polymer GLYCEROL
5 water water
#
loop_
_entity_poly.entity_id
_entity_poly.type
_entity_poly.pdbx_seq_one_letter_code
_entity_poly.pdbx_strand_id
1 'polypeptide(L)'
;STGSATTTPIDSLDDAYITPVQIGTPAQTLNLDFDTGSSDLWVFSSETTASEVDGQTIYTPSKSTTAKLLSGATWSISYG
DGSSSSGDVYTDTVSVGGLTVTGQAVESAKKVSSSFTEDSTIDGLLGLAFSTLNTVSPTQQKTFFDNAKASLDSPVFTAD
LGYHAPGTYNFGFIDTTAYTGSITYTAVSTKQGFWEWTSTGYAVGSGTFKSTSIDGIADTGTTLLYLPATVVSAYWAQVS
GAKSSSSVGGYVFPCSATLPSFTFGVGSARIVIPGDYIDFGPISTGSSSCFGGIQSSAGIGINIFGDVALKAAFVVFNGA
TTPTLGFASK
;
A
2 'polypeptide(L)' SLFH(22G)TP I
#
loop_
_chem_comp.id
_chem_comp.type
_chem_comp.name
_chem_comp.formula
GOL non-polymer GLYCEROL 'C3 H8 O3'
SO4 non-polymer 'SULFATE ION' 'O4 S -2'
#
# COMPACT_ATOMS: atom_id res chain seq x y z
N SER A 1 13.23 2.07 20.27
CA SER A 1 13.14 0.80 19.52
C SER A 1 13.08 1.01 18.04
N THR A 2 13.34 -0.08 17.33
CA THR A 2 13.17 -0.06 15.86
C THR A 2 12.67 -1.40 15.39
N GLY A 3 12.18 -1.46 14.18
CA GLY A 3 11.91 -2.71 13.51
C GLY A 3 12.24 -2.63 12.02
N SER A 4 12.48 -3.82 11.46
CA SER A 4 12.82 -3.95 10.02
C SER A 4 12.34 -5.23 9.52
N ALA A 5 11.53 -5.19 8.48
CA ALA A 5 10.97 -6.40 7.89
C ALA A 5 11.04 -6.37 6.38
N THR A 6 11.32 -7.50 5.82
CA THR A 6 11.30 -7.67 4.38
C THR A 6 9.93 -7.86 3.86
N THR A 7 9.56 -7.22 2.75
CA THR A 7 8.26 -7.35 2.12
C THR A 7 8.50 -7.98 0.75
N THR A 8 7.69 -8.91 0.34
CA THR A 8 7.94 -9.74 -0.81
C THR A 8 6.75 -9.64 -1.77
N PRO A 9 7.01 -9.49 -3.06
CA PRO A 9 5.87 -9.50 -4.02
C PRO A 9 5.15 -10.82 -4.01
N ILE A 10 3.84 -10.76 -4.18
CA ILE A 10 3.05 -11.95 -4.12
C ILE A 10 3.04 -12.67 -5.45
N ASP A 11 3.51 -12.04 -6.51
CA ASP A 11 3.52 -12.60 -7.86
C ASP A 11 4.59 -11.93 -8.72
N SER A 12 4.72 -12.34 -9.98
CA SER A 12 5.75 -11.84 -10.84
C SER A 12 5.53 -10.44 -11.42
N LEU A 13 4.38 -9.86 -11.13
CA LEU A 13 4.00 -8.53 -11.59
C LEU A 13 4.09 -7.50 -10.47
N ASP A 14 4.42 -7.92 -9.24
CA ASP A 14 4.42 -6.99 -8.10
C ASP A 14 2.99 -6.45 -7.89
N ASP A 15 2.00 -7.32 -7.92
CA ASP A 15 0.63 -6.82 -7.77
C ASP A 15 0.39 -6.30 -6.30
N ALA A 16 1.06 -6.92 -5.34
CA ALA A 16 0.97 -6.57 -3.91
C ALA A 16 2.23 -7.14 -3.29
N TYR A 17 2.54 -6.66 -2.08
CA TYR A 17 3.65 -7.15 -1.31
C TYR A 17 3.12 -7.63 0.05
N ILE A 18 3.71 -8.75 0.52
CA ILE A 18 3.39 -9.31 1.82
C ILE A 18 4.59 -9.27 2.77
N THR A 19 4.26 -8.98 4.03
CA THR A 19 5.26 -8.87 5.11
C THR A 19 4.85 -9.78 6.26
N PRO A 20 5.77 -10.59 6.78
CA PRO A 20 5.42 -11.42 7.90
C PRO A 20 5.25 -10.62 9.21
N VAL A 21 4.16 -10.95 9.92
CA VAL A 21 3.80 -10.31 11.18
C VAL A 21 3.55 -11.37 12.21
N GLN A 22 4.11 -11.19 13.38
CA GLN A 22 3.89 -12.17 14.47
C GLN A 22 2.74 -11.64 15.33
N ILE A 23 1.77 -12.50 15.58
CA ILE A 23 0.64 -12.11 16.41
C ILE A 23 0.46 -13.15 17.50
N GLY A 24 0.40 -12.69 18.77
CA GLY A 24 0.03 -13.60 19.86
C GLY A 24 1.23 -14.28 20.48
N THR A 25 0.91 -15.15 21.45
CA THR A 25 1.86 -15.92 22.20
C THR A 25 1.39 -17.34 22.41
N PRO A 26 2.09 -18.35 21.92
CA PRO A 26 3.28 -18.23 21.06
C PRO A 26 2.91 -17.56 19.74
N ALA A 27 3.93 -17.06 19.02
CA ALA A 27 3.65 -16.32 17.83
C ALA A 27 2.90 -17.16 16.76
N GLN A 28 1.95 -16.52 16.15
CA GLN A 28 1.33 -16.98 14.92
C GLN A 28 1.77 -15.98 13.84
N THR A 29 2.45 -16.50 12.85
CA THR A 29 2.99 -15.62 11.82
C THR A 29 2.01 -15.61 10.63
N LEU A 30 1.54 -14.43 10.29
CA LEU A 30 0.70 -14.21 9.16
C LEU A 30 1.36 -13.24 8.18
N ASN A 31 1.10 -13.41 6.91
CA ASN A 31 1.68 -12.53 5.89
C ASN A 31 0.68 -11.48 5.49
N LEU A 32 0.93 -10.25 5.92
CA LEU A 32 -0.03 -9.17 5.75
C LEU A 32 0.41 -8.24 4.69
N ASP A 33 -0.56 -7.59 4.06
CA ASP A 33 -0.35 -6.51 3.08
C ASP A 33 -0.34 -5.17 3.83
N PHE A 34 0.79 -4.52 3.91
CA PHE A 34 0.94 -3.20 4.59
C PHE A 34 0.39 -2.12 3.69
N ASP A 35 -0.59 -1.38 4.17
CA ASP A 35 -1.40 -0.51 3.36
C ASP A 35 -1.44 0.91 4.00
N THR A 36 -0.64 1.79 3.43
CA THR A 36 -0.65 3.17 3.86
C THR A 36 -1.90 3.97 3.51
N GLY A 37 -2.81 3.31 2.82
CA GLY A 37 -4.10 3.91 2.54
C GLY A 37 -5.30 3.49 3.39
N SER A 38 -5.04 2.79 4.50
CA SER A 38 -6.13 2.39 5.40
C SER A 38 -5.54 2.25 6.78
N SER A 39 -6.37 2.01 7.78
CA SER A 39 -5.99 2.14 9.17
C SER A 39 -6.53 1.01 10.04
N ASP A 40 -6.80 -0.13 9.44
CA ASP A 40 -7.25 -1.33 10.17
C ASP A 40 -6.20 -2.42 10.02
N LEU A 41 -5.91 -3.12 11.11
CA LEU A 41 -5.09 -4.32 11.12
C LEU A 41 -6.06 -5.45 11.27
N TRP A 42 -6.31 -6.19 10.19
CA TRP A 42 -7.32 -7.24 10.26
C TRP A 42 -6.71 -8.48 9.62
N VAL A 43 -7.24 -9.61 10.08
CA VAL A 43 -6.69 -10.90 9.71
C VAL A 43 -7.76 -11.90 9.44
N PHE A 44 -7.52 -12.86 8.50
CA PHE A 44 -8.25 -14.09 8.49
C PHE A 44 -8.05 -14.75 9.82
N SER A 45 -9.12 -15.46 10.22
CA SER A 45 -9.07 -16.03 11.54
C SER A 45 -9.88 -17.32 11.64
N SER A 46 -9.79 -17.92 12.82
CA SER A 46 -10.61 -19.12 13.15
C SER A 46 -12.08 -18.79 13.14
N GLU A 47 -12.47 -17.50 13.15
CA GLU A 47 -13.85 -17.08 13.07
C GLU A 47 -14.30 -16.81 11.66
N THR A 48 -13.41 -16.78 10.70
CA THR A 48 -13.83 -16.49 9.32
C THR A 48 -14.67 -17.64 8.75
N THR A 49 -15.80 -17.28 8.17
CA THR A 49 -16.65 -18.25 7.54
C THR A 49 -15.79 -19.30 6.73
N ALA A 50 -16.01 -20.59 6.94
CA ALA A 50 -15.09 -21.58 6.37
C ALA A 50 -15.00 -21.55 4.87
N SER A 51 -16.15 -21.33 4.25
CA SER A 51 -16.20 -21.28 2.80
C SER A 51 -15.46 -20.08 2.21
N GLU A 52 -15.14 -19.10 3.02
CA GLU A 52 -14.43 -17.88 2.61
C GLU A 52 -12.95 -17.95 2.82
N VAL A 53 -12.46 -19.07 3.34
CA VAL A 53 -11.02 -19.29 3.54
C VAL A 53 -10.58 -20.31 2.51
N ASP A 54 -9.61 -19.94 1.69
CA ASP A 54 -8.98 -20.84 0.71
C ASP A 54 -7.46 -20.69 0.64
N GLY A 55 -6.80 -21.27 1.61
CA GLY A 55 -5.37 -21.29 1.61
C GLY A 55 -4.67 -20.34 2.52
N GLN A 56 -5.40 -19.36 3.03
CA GLN A 56 -4.80 -18.37 3.88
C GLN A 56 -4.42 -18.98 5.20
N THR A 57 -3.36 -18.48 5.79
CA THR A 57 -3.04 -18.72 7.21
C THR A 57 -3.95 -17.88 8.09
N ILE A 58 -4.51 -18.52 9.14
CA ILE A 58 -5.48 -17.87 10.02
C ILE A 58 -4.91 -17.63 11.39
N TYR A 59 -5.36 -16.54 12.01
CA TYR A 59 -5.13 -16.26 13.42
C TYR A 59 -6.21 -16.94 14.27
N THR A 60 -5.75 -17.62 15.32
CA THR A 60 -6.67 -18.35 16.21
C THR A 60 -6.49 -17.76 17.60
N PRO A 61 -7.35 -16.83 18.01
CA PRO A 61 -7.06 -16.21 19.27
C PRO A 61 -7.09 -17.15 20.45
N SER A 62 -7.89 -18.20 20.39
CA SER A 62 -7.93 -19.14 21.51
C SER A 62 -6.62 -19.88 21.81
N LYS A 63 -5.68 -19.85 20.85
CA LYS A 63 -4.38 -20.48 20.97
C LYS A 63 -3.34 -19.47 21.42
N SER A 64 -3.73 -18.20 21.59
CA SER A 64 -2.82 -17.18 22.08
C SER A 64 -3.12 -16.83 23.54
N THR A 65 -2.13 -16.96 24.39
CA THR A 65 -2.31 -16.75 25.80
C THR A 65 -2.44 -15.27 26.11
N THR A 66 -2.01 -14.42 25.21
CA THR A 66 -2.09 -12.97 25.37
C THR A 66 -3.29 -12.31 24.72
N ALA A 67 -4.10 -13.06 23.89
CA ALA A 67 -5.25 -12.52 23.26
C ALA A 67 -6.33 -12.22 24.29
N LYS A 68 -7.05 -11.13 24.11
CA LYS A 68 -8.23 -10.86 24.91
C LYS A 68 -9.30 -10.24 24.02
N LEU A 69 -10.51 -10.71 24.10
CA LEU A 69 -11.65 -10.12 23.35
C LEU A 69 -11.74 -8.68 23.76
N LEU A 70 -11.93 -7.82 22.77
CA LEU A 70 -12.23 -6.43 23.05
C LEU A 70 -13.76 -6.37 23.00
N SER A 71 -14.36 -6.45 24.17
CA SER A 71 -15.79 -6.73 24.26
C SER A 71 -16.59 -5.62 23.65
N GLY A 72 -17.49 -6.04 22.75
CA GLY A 72 -18.41 -5.14 22.10
C GLY A 72 -17.91 -4.48 20.87
N ALA A 73 -16.66 -4.63 20.51
CA ALA A 73 -16.07 -3.91 19.39
C ALA A 73 -16.30 -4.73 18.14
N THR A 74 -16.68 -4.01 17.08
CA THR A 74 -16.82 -4.60 15.76
C THR A 74 -16.15 -3.70 14.76
N TRP A 75 -15.99 -4.22 13.57
CA TRP A 75 -15.34 -3.46 12.55
C TRP A 75 -15.92 -3.88 11.19
N SER A 76 -15.80 -2.97 10.23
CA SER A 76 -16.31 -3.27 8.89
C SER A 76 -15.62 -2.29 7.95
N ILE A 77 -15.04 -2.78 6.85
CA ILE A 77 -14.30 -1.88 5.96
C ILE A 77 -14.56 -2.25 4.51
N SER A 78 -14.48 -1.26 3.63
CA SER A 78 -14.50 -1.44 2.18
C SER A 78 -13.31 -0.70 1.58
N TYR A 79 -12.77 -1.21 0.49
CA TYR A 79 -11.61 -0.60 -0.13
C TYR A 79 -12.02 -0.01 -1.47
N GLY A 80 -11.05 0.46 -2.22
CA GLY A 80 -11.30 1.28 -3.38
C GLY A 80 -12.00 0.56 -4.50
N ASP A 81 -11.85 -0.77 -4.54
CA ASP A 81 -12.57 -1.62 -5.53
C ASP A 81 -13.85 -2.30 -5.04
N GLY A 82 -14.28 -1.86 -3.90
CA GLY A 82 -15.48 -2.44 -3.27
C GLY A 82 -15.25 -3.73 -2.56
N SER A 83 -14.05 -4.26 -2.49
CA SER A 83 -13.79 -5.43 -1.70
C SER A 83 -13.98 -5.03 -0.21
N SER A 84 -14.27 -5.99 0.64
CA SER A 84 -14.68 -5.67 2.01
C SER A 84 -14.43 -6.85 2.95
N SER A 85 -14.49 -6.52 4.25
CA SER A 85 -14.36 -7.50 5.30
C SER A 85 -14.89 -6.89 6.60
N SER A 86 -15.26 -7.76 7.55
CA SER A 86 -15.82 -7.31 8.77
C SER A 86 -15.67 -8.36 9.84
N GLY A 87 -15.82 -7.95 11.10
CA GLY A 87 -15.68 -8.94 12.21
C GLY A 87 -15.62 -8.27 13.58
N ASP A 88 -14.99 -9.01 14.50
CA ASP A 88 -14.83 -8.61 15.86
C ASP A 88 -13.38 -8.32 16.18
N VAL A 89 -13.06 -8.01 17.42
CA VAL A 89 -11.74 -7.45 17.70
C VAL A 89 -11.17 -8.10 18.93
N TYR A 90 -9.91 -8.43 18.88
CA TYR A 90 -9.08 -8.89 19.98
C TYR A 90 -7.97 -7.92 20.24
N THR A 91 -7.48 -7.81 21.45
CA THR A 91 -6.21 -7.20 21.62
C THR A 91 -5.16 -8.29 21.84
N ASP A 92 -3.95 -8.11 21.29
CA ASP A 92 -2.91 -9.10 21.44
C ASP A 92 -1.57 -8.41 21.15
N THR A 93 -0.50 -9.12 21.43
CA THR A 93 0.82 -8.67 21.08
C THR A 93 1.08 -8.85 19.61
N VAL A 94 1.64 -7.84 18.96
CA VAL A 94 1.92 -7.87 17.50
C VAL A 94 3.33 -7.36 17.35
N SER A 95 4.14 -8.13 16.58
CA SER A 95 5.51 -7.78 16.30
C SER A 95 5.77 -7.75 14.81
N VAL A 96 6.50 -6.72 14.35
CA VAL A 96 6.93 -6.57 12.97
C VAL A 96 8.38 -6.34 12.96
N GLY A 97 9.12 -7.27 12.38
CA GLY A 97 10.51 -6.95 12.16
C GLY A 97 11.27 -6.75 13.47
N GLY A 98 10.89 -7.40 14.57
CA GLY A 98 11.51 -7.14 15.81
C GLY A 98 10.95 -6.07 16.71
N LEU A 99 10.01 -5.32 16.24
CA LEU A 99 9.34 -4.23 16.98
C LEU A 99 8.03 -4.78 17.49
N THR A 100 7.84 -4.70 18.82
CA THR A 100 6.67 -5.28 19.47
C THR A 100 5.77 -4.20 20.03
N VAL A 101 4.48 -4.37 19.78
CA VAL A 101 3.42 -3.61 20.44
C VAL A 101 2.54 -4.53 21.24
N THR A 102 2.35 -4.20 22.52
CA THR A 102 1.39 -4.97 23.31
C THR A 102 0.06 -4.24 23.27
N GLY A 103 -0.99 -5.00 23.40
CA GLY A 103 -2.35 -4.45 23.30
C GLY A 103 -2.83 -3.87 22.00
N GLN A 104 -2.27 -4.37 20.91
CA GLN A 104 -2.70 -3.93 19.60
C GLN A 104 -4.06 -4.53 19.33
N ALA A 105 -4.91 -3.70 18.71
CA ALA A 105 -6.21 -4.20 18.27
C ALA A 105 -5.98 -5.03 17.00
N VAL A 106 -6.37 -6.28 17.04
CA VAL A 106 -6.27 -7.21 15.95
C VAL A 106 -7.72 -7.51 15.59
N GLU A 107 -8.12 -7.09 14.40
CA GLU A 107 -9.46 -7.20 13.93
C GLU A 107 -9.59 -8.56 13.23
N SER A 108 -10.43 -9.44 13.78
CA SER A 108 -10.58 -10.80 13.32
C SER A 108 -11.75 -10.80 12.37
N ALA A 109 -11.51 -11.27 11.13
CA ALA A 109 -12.59 -11.34 10.17
C ALA A 109 -13.54 -12.47 10.43
N LYS A 110 -14.81 -12.12 10.44
CA LYS A 110 -15.89 -13.12 10.34
C LYS A 110 -16.26 -13.34 8.90
N LYS A 111 -16.20 -12.26 8.11
CA LYS A 111 -16.62 -12.25 6.70
C LYS A 111 -15.59 -11.54 5.88
N VAL A 112 -15.30 -12.09 4.69
CA VAL A 112 -14.44 -11.41 3.72
C VAL A 112 -15.08 -11.60 2.33
N SER A 113 -14.92 -10.66 1.48
CA SER A 113 -15.50 -10.74 0.18
C SER A 113 -14.67 -11.67 -0.73
N SER A 114 -15.25 -12.00 -1.89
CA SER A 114 -14.70 -13.02 -2.80
C SER A 114 -13.28 -12.75 -3.23
N SER A 115 -12.94 -11.46 -3.46
CA SER A 115 -11.63 -11.15 -3.98
C SER A 115 -10.56 -11.48 -2.91
N PHE A 116 -10.93 -11.39 -1.63
CA PHE A 116 -10.01 -11.81 -0.56
C PHE A 116 -9.81 -13.30 -0.52
N THR A 117 -10.95 -14.00 -0.55
CA THR A 117 -10.90 -15.50 -0.51
C THR A 117 -9.97 -16.05 -1.63
N GLU A 118 -10.11 -15.42 -2.81
CA GLU A 118 -9.39 -15.83 -4.00
C GLU A 118 -7.89 -15.58 -3.95
N ASP A 119 -7.39 -14.74 -3.03
CA ASP A 119 -5.98 -14.52 -2.92
C ASP A 119 -5.38 -15.26 -1.72
N SER A 120 -4.85 -16.44 -1.99
CA SER A 120 -4.36 -17.29 -0.91
C SER A 120 -3.13 -16.77 -0.26
N THR A 121 -2.45 -15.76 -0.85
CA THR A 121 -1.15 -15.31 -0.36
C THR A 121 -1.26 -14.22 0.65
N ILE A 122 -2.42 -13.56 0.76
CA ILE A 122 -2.62 -12.41 1.67
C ILE A 122 -3.51 -12.89 2.82
N ASP A 123 -2.96 -12.84 4.04
CA ASP A 123 -3.60 -13.29 5.23
C ASP A 123 -4.38 -12.17 5.99
N GLY A 124 -4.23 -10.95 5.57
CA GLY A 124 -4.87 -9.81 6.13
C GLY A 124 -4.11 -8.58 5.76
N LEU A 125 -4.51 -7.43 6.34
CA LEU A 125 -3.95 -6.17 6.02
C LEU A 125 -3.47 -5.49 7.30
N LEU A 126 -2.40 -4.69 7.17
CA LEU A 126 -1.92 -3.89 8.27
C LEU A 126 -1.96 -2.46 7.81
N GLY A 127 -2.85 -1.64 8.34
CA GLY A 127 -3.08 -0.30 7.93
C GLY A 127 -2.09 0.68 8.55
N LEU A 128 -1.56 1.62 7.76
CA LEU A 128 -0.58 2.58 8.16
C LEU A 128 -0.97 4.02 7.88
N ALA A 129 -2.20 4.25 7.51
CA ALA A 129 -2.74 5.59 7.40
C ALA A 129 -3.07 6.11 8.80
N PHE A 130 -3.71 7.25 8.86
CA PHE A 130 -3.95 7.84 10.17
C PHE A 130 -5.08 7.16 10.93
N SER A 131 -4.96 7.12 12.26
CA SER A 131 -5.89 6.33 13.04
C SER A 131 -7.31 6.88 12.95
N THR A 132 -7.52 8.12 12.56
CA THR A 132 -8.86 8.65 12.29
C THR A 132 -9.68 7.85 11.29
N LEU A 133 -9.02 7.06 10.44
CA LEU A 133 -9.72 6.18 9.50
C LEU A 133 -10.12 4.80 10.06
N ASN A 134 -9.62 4.43 11.23
CA ASN A 134 -9.92 3.13 11.79
C ASN A 134 -11.40 2.85 12.01
N THR A 135 -11.85 1.68 11.57
CA THR A 135 -13.30 1.44 11.50
C THR A 135 -13.89 0.81 12.75
N VAL A 136 -13.13 0.58 13.80
CA VAL A 136 -13.63 -0.11 14.97
C VAL A 136 -14.61 0.80 15.69
N SER A 137 -15.72 0.16 16.08
CA SER A 137 -16.82 0.79 16.78
C SER A 137 -17.21 -0.05 17.98
N PRO A 138 -17.55 0.58 19.12
CA PRO A 138 -17.81 1.98 19.34
C PRO A 138 -16.56 2.81 19.66
N THR A 139 -15.45 2.15 19.92
CA THR A 139 -14.23 2.83 20.33
C THR A 139 -13.16 2.62 19.23
N GLN A 140 -12.91 3.74 18.51
CA GLN A 140 -11.90 3.65 17.46
C GLN A 140 -10.53 3.21 18.02
N GLN A 141 -9.79 2.44 17.25
CA GLN A 141 -8.52 1.89 17.69
C GLN A 141 -7.35 2.52 16.90
N LYS A 142 -6.17 2.45 17.51
CA LYS A 142 -4.98 2.98 16.90
C LYS A 142 -4.29 1.96 15.99
N THR A 143 -3.60 2.48 14.99
CA THR A 143 -2.75 1.67 14.15
C THR A 143 -1.54 1.13 14.87
N PHE A 144 -0.95 0.10 14.28
CA PHE A 144 0.29 -0.43 14.80
C PHE A 144 1.34 0.72 14.96
N PHE A 145 1.47 1.59 13.95
CA PHE A 145 2.44 2.63 13.96
C PHE A 145 2.12 3.64 15.04
N ASP A 146 0.84 4.01 15.18
CA ASP A 146 0.48 5.00 16.22
C ASP A 146 0.78 4.39 17.60
N ASN A 147 0.51 3.11 17.83
CA ASN A 147 0.86 2.45 19.09
C ASN A 147 2.35 2.36 19.33
N ALA A 148 3.14 2.15 18.29
CA ALA A 148 4.59 1.95 18.44
C ALA A 148 5.32 3.28 18.59
N LYS A 149 4.73 4.40 18.15
CA LYS A 149 5.45 5.65 17.95
C LYS A 149 6.23 6.12 19.11
N ALA A 150 5.63 6.08 20.28
CA ALA A 150 6.31 6.68 21.40
C ALA A 150 7.57 5.86 21.80
N SER A 151 7.57 4.55 21.46
CA SER A 151 8.68 3.67 21.75
C SER A 151 9.78 3.81 20.66
N LEU A 152 9.46 4.30 19.50
CA LEU A 152 10.41 4.30 18.41
C LEU A 152 11.51 5.34 18.61
N ASP A 153 12.71 5.04 18.12
CA ASP A 153 13.79 6.02 18.18
C ASP A 153 13.41 7.36 17.52
N SER A 154 12.77 7.30 16.37
CA SER A 154 12.22 8.43 15.59
C SER A 154 10.82 8.02 15.09
N PRO A 155 9.90 8.97 15.04
CA PRO A 155 8.50 8.58 14.83
C PRO A 155 8.25 8.48 13.28
N VAL A 156 8.87 7.52 12.67
CA VAL A 156 8.89 7.37 11.21
C VAL A 156 8.75 5.92 10.86
N PHE A 157 8.30 5.70 9.63
CA PHE A 157 8.47 4.44 8.99
C PHE A 157 8.87 4.70 7.54
N THR A 158 9.55 3.75 6.94
CA THR A 158 10.00 3.87 5.60
C THR A 158 9.61 2.68 4.73
N ALA A 159 9.27 2.97 3.49
CA ALA A 159 8.89 1.93 2.55
C ALA A 159 9.90 1.95 1.41
N ASP A 160 10.50 0.81 1.14
CA ASP A 160 11.49 0.61 0.08
C ASP A 160 11.13 -0.61 -0.71
N LEU A 161 10.16 -0.41 -1.58
CA LEU A 161 9.61 -1.48 -2.30
C LEU A 161 10.44 -1.85 -3.49
N GLY A 162 10.58 -3.14 -3.78
CA GLY A 162 11.38 -3.57 -4.88
C GLY A 162 10.66 -3.74 -6.20
N TYR A 163 11.37 -3.60 -7.28
CA TYR A 163 10.87 -3.90 -8.63
C TYR A 163 11.19 -5.34 -8.90
N HIS A 164 10.15 -6.18 -8.98
CA HIS A 164 10.28 -7.57 -9.23
C HIS A 164 11.22 -8.20 -8.24
N ALA A 165 11.13 -7.78 -7.00
CA ALA A 165 12.09 -8.22 -5.97
C ALA A 165 11.47 -7.80 -4.61
N PRO A 166 12.06 -8.42 -3.53
CA PRO A 166 11.69 -7.96 -2.19
C PRO A 166 12.20 -6.58 -1.91
N GLY A 167 11.57 -5.97 -0.94
CA GLY A 167 11.96 -4.69 -0.35
C GLY A 167 11.90 -4.75 1.14
N THR A 168 11.85 -3.57 1.73
CA THR A 168 11.95 -3.43 3.17
C THR A 168 11.02 -2.36 3.73
N TYR A 169 10.33 -2.64 4.86
CA TYR A 169 9.64 -1.65 5.70
C TYR A 169 10.48 -1.56 6.98
N ASN A 170 10.90 -0.35 7.24
CA ASN A 170 11.63 -0.04 8.49
C ASN A 170 10.77 0.87 9.42
N PHE A 171 10.88 0.65 10.69
CA PHE A 171 10.18 1.46 11.70
C PHE A 171 11.19 2.09 12.64
N GLY A 172 11.09 3.39 12.80
CA GLY A 172 11.89 4.07 13.82
C GLY A 172 13.22 4.62 13.40
N PHE A 173 13.67 4.38 12.18
CA PHE A 173 14.88 4.91 11.68
C PHE A 173 14.93 5.02 10.17
N ILE A 174 15.88 5.84 9.72
CA ILE A 174 16.10 6.07 8.30
C ILE A 174 17.41 5.39 7.94
N ASP A 175 17.39 4.42 7.03
CA ASP A 175 18.60 3.71 6.67
C ASP A 175 19.24 4.52 5.53
N THR A 176 20.29 5.23 5.88
CA THR A 176 20.90 6.17 4.96
C THR A 176 21.68 5.46 3.81
N THR A 177 21.89 4.15 3.91
CA THR A 177 22.49 3.38 2.85
C THR A 177 21.47 2.91 1.82
N ALA A 178 20.18 3.13 2.06
CA ALA A 178 19.11 2.55 1.20
C ALA A 178 18.68 3.44 0.00
N TYR A 179 19.27 4.60 -0.09
CA TYR A 179 18.89 5.57 -1.13
C TYR A 179 20.13 6.28 -1.61
N THR A 180 19.99 6.96 -2.77
CA THR A 180 21.03 7.78 -3.34
C THR A 180 20.60 9.22 -3.23
N GLY A 181 21.54 10.15 -3.27
CA GLY A 181 21.24 11.53 -3.15
C GLY A 181 20.61 11.91 -1.83
N SER A 182 19.75 12.89 -1.89
CA SER A 182 19.08 13.39 -0.66
C SER A 182 17.61 12.99 -0.65
N ILE A 183 17.02 13.08 0.51
CA ILE A 183 15.62 12.88 0.71
C ILE A 183 14.94 14.26 0.64
N THR A 184 13.94 14.42 -0.23
CA THR A 184 13.19 15.68 -0.34
C THR A 184 11.89 15.49 0.42
N TYR A 185 11.64 16.35 1.41
CA TYR A 185 10.45 16.26 2.18
C TYR A 185 9.41 17.22 1.70
N THR A 186 8.18 16.84 1.84
CA THR A 186 7.02 17.59 1.38
C THR A 186 5.88 17.49 2.37
N ALA A 187 5.04 18.52 2.36
CA ALA A 187 3.97 18.60 3.33
C ALA A 187 2.86 17.56 3.11
N VAL A 188 2.27 17.12 4.19
CA VAL A 188 1.18 16.18 4.23
C VAL A 188 -0.03 16.87 4.79
N SER A 189 -1.21 16.66 4.19
CA SER A 189 -2.49 16.94 4.72
C SER A 189 -3.11 15.69 5.27
N THR A 190 -3.53 15.75 6.52
CA THR A 190 -4.16 14.62 7.15
C THR A 190 -5.68 14.78 7.18
N LYS A 191 -6.22 15.80 6.52
CA LYS A 191 -7.64 16.10 6.53
C LYS A 191 -8.53 15.01 6.07
N GLN A 192 -8.10 14.11 5.22
CA GLN A 192 -8.84 12.96 4.82
C GLN A 192 -8.32 11.67 5.43
N GLY A 193 -7.39 11.77 6.36
CA GLY A 193 -6.87 10.57 7.02
C GLY A 193 -5.77 9.84 6.25
N PHE A 194 -5.36 10.34 5.08
CA PHE A 194 -4.37 9.71 4.22
C PHE A 194 -3.05 10.47 4.30
N TRP A 195 -2.02 9.84 3.77
CA TRP A 195 -0.75 10.47 3.53
C TRP A 195 -0.88 11.27 2.23
N GLU A 196 -1.54 12.43 2.29
CA GLU A 196 -1.91 13.18 1.14
C GLU A 196 -0.88 14.29 0.93
N TRP A 197 -0.37 14.43 -0.27
CA TRP A 197 0.68 15.37 -0.61
C TRP A 197 0.48 15.91 -1.97
N THR A 198 1.28 16.87 -2.39
CA THR A 198 1.10 17.48 -3.72
C THR A 198 2.39 17.43 -4.50
N SER A 199 2.37 16.64 -5.57
CA SER A 199 3.47 16.62 -6.48
C SER A 199 3.53 17.91 -7.25
N THR A 200 4.72 18.29 -7.65
CA THR A 200 5.04 19.54 -8.34
C THR A 200 5.02 19.39 -9.86
N GLY A 201 4.81 18.20 -10.43
CA GLY A 201 4.59 18.10 -11.86
C GLY A 201 5.10 16.77 -12.40
N TYR A 202 5.23 16.70 -13.73
CA TYR A 202 5.60 15.48 -14.37
C TYR A 202 6.34 15.65 -15.66
N ALA A 203 7.01 14.60 -16.09
CA ALA A 203 7.57 14.51 -17.46
C ALA A 203 7.37 13.11 -18.00
N VAL A 204 7.19 13.05 -19.32
CA VAL A 204 7.08 11.76 -20.01
C VAL A 204 8.36 11.53 -20.78
N GLY A 205 9.04 10.44 -20.50
CA GLY A 205 10.29 10.14 -21.15
C GLY A 205 11.27 11.28 -20.94
N SER A 206 11.94 11.59 -22.05
CA SER A 206 12.94 12.71 -22.09
C SER A 206 12.29 14.06 -22.37
N GLY A 207 10.98 14.16 -22.25
CA GLY A 207 10.28 15.36 -22.48
C GLY A 207 10.43 16.42 -21.40
N THR A 208 10.01 17.62 -21.76
CA THR A 208 10.07 18.75 -20.88
C THR A 208 9.25 18.51 -19.61
N PHE A 209 9.69 18.90 -18.38
CA PHE A 209 8.96 18.82 -17.16
C PHE A 209 7.85 19.90 -17.22
N LYS A 210 6.64 19.43 -16.94
CA LYS A 210 5.45 20.22 -16.82
C LYS A 210 5.19 20.48 -15.36
N SER A 211 5.35 21.77 -14.94
CA SER A 211 5.08 22.18 -13.59
C SER A 211 3.56 22.36 -13.40
N THR A 212 3.02 21.56 -12.50
CA THR A 212 1.63 21.54 -12.20
C THR A 212 1.37 20.77 -10.90
N SER A 213 0.53 21.29 -10.03
CA SER A 213 0.25 20.64 -8.74
C SER A 213 -0.66 19.46 -8.92
N ILE A 214 -0.24 18.30 -8.47
CA ILE A 214 -1.05 17.11 -8.47
C ILE A 214 -1.14 16.56 -7.03
N ASP A 215 -2.38 16.71 -6.50
CA ASP A 215 -2.67 16.27 -5.13
C ASP A 215 -2.96 14.78 -5.17
N GLY A 216 -2.33 14.01 -4.30
CA GLY A 216 -2.65 12.65 -4.27
C GLY A 216 -2.19 11.95 -2.97
N ILE A 217 -2.44 10.64 -2.88
CA ILE A 217 -2.11 9.93 -1.68
C ILE A 217 -1.04 8.92 -1.95
N ALA A 218 -0.14 8.73 -0.98
CA ALA A 218 0.80 7.61 -1.02
C ALA A 218 0.18 6.38 -0.46
N ASP A 219 -0.08 5.38 -1.32
CA ASP A 219 -0.89 4.19 -0.96
C ASP A 219 -0.12 2.94 -1.37
N THR A 220 0.61 2.38 -0.39
CA THR A 220 1.27 1.12 -0.62
C THR A 220 0.37 -0.04 -0.96
N GLY A 221 -0.91 0.06 -0.66
CA GLY A 221 -1.89 -0.96 -0.87
C GLY A 221 -2.54 -0.91 -2.24
N THR A 222 -2.17 0.02 -3.08
CA THR A 222 -2.63 0.16 -4.42
C THR A 222 -1.55 -0.26 -5.40
N THR A 223 -1.83 -1.08 -6.41
CA THR A 223 -0.78 -1.51 -7.29
C THR A 223 -0.24 -0.42 -8.24
N LEU A 224 -1.16 0.31 -8.84
CA LEU A 224 -0.81 1.17 -9.96
C LEU A 224 -0.76 2.64 -9.57
N LEU A 225 -0.39 3.45 -10.54
CA LEU A 225 -0.33 4.94 -10.43
C LEU A 225 -1.57 5.53 -11.11
N TYR A 226 -2.40 6.22 -10.36
CA TYR A 226 -3.62 6.79 -10.85
C TYR A 226 -3.55 8.33 -10.85
N LEU A 227 -3.62 8.90 -12.04
CA LEU A 227 -3.36 10.32 -12.20
C LEU A 227 -4.41 10.98 -13.06
N PRO A 228 -4.47 12.32 -13.12
CA PRO A 228 -5.53 12.95 -13.91
C PRO A 228 -5.47 12.50 -15.36
N ALA A 229 -6.64 12.55 -16.02
CA ALA A 229 -6.72 12.05 -17.40
C ALA A 229 -5.81 12.79 -18.31
N THR A 230 -5.60 14.09 -18.12
CA THR A 230 -4.69 14.89 -18.94
C THR A 230 -3.26 14.30 -18.96
N VAL A 231 -2.81 14.00 -17.75
CA VAL A 231 -1.45 13.53 -17.55
C VAL A 231 -1.30 12.16 -18.19
N VAL A 232 -2.27 11.31 -17.88
CA VAL A 232 -2.27 9.90 -18.38
C VAL A 232 -2.30 9.86 -19.92
N SER A 233 -3.18 10.68 -20.50
CA SER A 233 -3.22 10.73 -21.95
C SER A 233 -1.90 11.18 -22.60
N ALA A 234 -1.21 12.11 -21.96
CA ALA A 234 0.03 12.59 -22.47
C ALA A 234 1.09 11.47 -22.41
N TYR A 235 1.05 10.63 -21.38
CA TYR A 235 1.92 9.50 -21.30
C TYR A 235 1.71 8.53 -22.43
N TRP A 236 0.47 8.05 -22.50
CA TRP A 236 0.17 6.94 -23.44
C TRP A 236 0.25 7.39 -24.87
N ALA A 237 0.12 8.68 -25.12
CA ALA A 237 0.33 9.23 -26.48
C ALA A 237 1.69 8.96 -27.04
N GLN A 238 2.66 8.72 -26.16
CA GLN A 238 4.02 8.46 -26.60
C GLN A 238 4.30 6.99 -26.78
N VAL A 239 3.29 6.13 -26.70
CA VAL A 239 3.41 4.67 -26.92
C VAL A 239 2.63 4.27 -28.15
N SER A 240 3.33 3.75 -29.20
CA SER A 240 2.59 3.34 -30.43
C SER A 240 1.58 2.28 -30.13
N GLY A 241 0.38 2.49 -30.64
CA GLY A 241 -0.69 1.53 -30.43
C GLY A 241 -1.41 1.52 -29.14
N ALA A 242 -1.00 2.35 -28.18
CA ALA A 242 -1.68 2.35 -26.90
C ALA A 242 -3.03 3.05 -27.07
N LYS A 243 -3.97 2.54 -26.26
CA LYS A 243 -5.32 3.09 -26.24
C LYS A 243 -6.04 2.83 -24.97
N SER A 244 -7.06 3.63 -24.66
CA SER A 244 -7.92 3.38 -23.51
C SER A 244 -9.04 2.48 -23.96
N SER A 245 -9.13 1.32 -23.38
CA SER A 245 -10.13 0.31 -23.69
C SER A 245 -11.18 0.31 -22.61
N SER A 246 -12.40 0.63 -23.01
CA SER A 246 -13.53 0.59 -22.13
C SER A 246 -13.76 -0.86 -21.64
N SER A 247 -13.65 -1.83 -22.54
CA SER A 247 -13.94 -3.22 -22.17
C SER A 247 -12.95 -3.81 -21.19
N VAL A 248 -11.68 -3.41 -21.31
CA VAL A 248 -10.64 -3.91 -20.44
C VAL A 248 -10.60 -3.14 -19.13
N GLY A 249 -10.94 -1.87 -19.18
CA GLY A 249 -10.95 -1.01 -18.01
C GLY A 249 -9.76 -0.10 -17.82
N GLY A 250 -9.11 0.28 -18.92
CA GLY A 250 -8.05 1.19 -18.85
C GLY A 250 -7.17 1.14 -20.06
N TYR A 251 -6.06 1.87 -19.97
CA TYR A 251 -5.08 1.88 -21.06
C TYR A 251 -4.37 0.57 -21.16
N VAL A 252 -4.29 0.15 -22.43
CA VAL A 252 -3.56 -1.05 -22.83
C VAL A 252 -2.59 -0.63 -23.93
N PHE A 253 -1.62 -1.49 -24.17
CA PHE A 253 -0.61 -1.19 -25.15
C PHE A 253 -0.07 -2.49 -25.72
N PRO A 254 0.53 -2.44 -26.91
CA PRO A 254 1.05 -3.67 -27.49
C PRO A 254 2.23 -4.22 -26.73
N CYS A 255 2.19 -5.51 -26.51
CA CYS A 255 3.25 -6.11 -25.77
C CYS A 255 4.63 -5.90 -26.41
N SER A 256 4.68 -5.63 -27.73
CA SER A 256 5.88 -5.36 -28.45
C SER A 256 6.46 -3.94 -28.22
N ALA A 257 5.73 -3.07 -27.58
CA ALA A 257 6.13 -1.71 -27.39
C ALA A 257 7.14 -1.53 -26.27
N THR A 258 8.01 -0.54 -26.46
CA THR A 258 8.90 -0.11 -25.39
C THR A 258 8.29 1.11 -24.73
N LEU A 259 8.24 1.14 -23.40
CA LEU A 259 7.59 2.20 -22.71
C LEU A 259 8.56 3.28 -22.27
N PRO A 260 8.14 4.51 -22.39
CA PRO A 260 8.93 5.58 -21.83
C PRO A 260 8.84 5.64 -20.28
N SER A 261 9.86 6.24 -19.71
CA SER A 261 9.82 6.54 -18.28
C SER A 261 8.75 7.62 -17.99
N PHE A 262 8.45 7.70 -16.70
CA PHE A 262 7.57 8.75 -16.20
C PHE A 262 8.22 9.37 -14.95
N THR A 263 8.32 10.69 -15.02
CA THR A 263 8.94 11.39 -13.90
C THR A 263 7.86 12.20 -13.11
N PHE A 264 7.91 12.12 -11.77
CA PHE A 264 7.10 13.02 -10.97
C PHE A 264 7.93 13.92 -10.07
N GLY A 265 7.39 15.08 -9.84
CA GLY A 265 8.13 16.00 -9.03
C GLY A 265 7.76 15.94 -7.57
N VAL A 266 8.77 16.12 -6.72
CA VAL A 266 8.63 16.24 -5.29
C VAL A 266 9.42 17.48 -4.93
N GLY A 267 8.71 18.58 -4.66
CA GLY A 267 9.42 19.83 -4.61
C GLY A 267 10.22 20.10 -5.84
N SER A 268 11.46 20.50 -5.65
CA SER A 268 12.37 20.75 -6.76
C SER A 268 13.10 19.45 -7.25
N ALA A 269 12.80 18.33 -6.62
CA ALA A 269 13.39 17.06 -6.94
C ALA A 269 12.47 16.24 -7.83
N ARG A 270 13.05 15.19 -8.39
CA ARG A 270 12.38 14.41 -9.42
C ARG A 270 12.61 12.94 -9.11
N ILE A 271 11.53 12.15 -9.20
CA ILE A 271 11.57 10.67 -9.11
C ILE A 271 11.24 10.12 -10.49
N VAL A 272 12.15 9.29 -11.02
CA VAL A 272 11.96 8.68 -12.35
C VAL A 272 11.48 7.25 -12.18
N ILE A 273 10.33 6.97 -12.78
CA ILE A 273 9.78 5.63 -12.87
C ILE A 273 10.24 5.07 -14.23
N PRO A 274 11.08 4.02 -14.20
CA PRO A 274 11.48 3.46 -15.51
C PRO A 274 10.31 2.95 -16.24
N GLY A 275 10.40 2.92 -17.56
CA GLY A 275 9.37 2.35 -18.38
C GLY A 275 8.97 0.92 -18.04
N ASP A 276 9.94 0.08 -17.72
CA ASP A 276 9.67 -1.29 -17.38
C ASP A 276 8.73 -1.42 -16.22
N TYR A 277 8.71 -0.46 -15.29
CA TYR A 277 7.89 -0.55 -14.14
C TYR A 277 6.41 -0.35 -14.47
N ILE A 278 6.14 0.18 -15.65
CA ILE A 278 4.81 0.56 -16.10
C ILE A 278 4.17 -0.59 -16.89
N ASP A 279 4.90 -1.67 -17.14
CA ASP A 279 4.36 -2.84 -17.89
C ASP A 279 3.78 -3.87 -16.92
N PHE A 280 2.47 -4.06 -16.98
CA PHE A 280 1.77 -5.00 -16.12
C PHE A 280 1.35 -6.25 -16.88
N GLY A 281 1.93 -6.46 -18.05
CA GLY A 281 1.78 -7.75 -18.75
C GLY A 281 0.47 -7.96 -19.43
N PRO A 282 0.40 -9.12 -20.07
CA PRO A 282 -0.76 -9.36 -20.87
C PRO A 282 -2.08 -9.30 -20.09
N ILE A 283 -3.09 -8.77 -20.72
CA ILE A 283 -4.39 -8.62 -20.06
C ILE A 283 -4.99 -9.94 -19.66
N SER A 284 -4.71 -10.93 -20.43
CA SER A 284 -5.13 -12.33 -20.21
C SER A 284 -4.00 -13.20 -20.73
N THR A 285 -3.84 -14.43 -20.26
CA THR A 285 -2.75 -15.24 -20.70
C THR A 285 -2.75 -15.36 -22.19
N GLY A 286 -1.59 -15.11 -22.76
CA GLY A 286 -1.38 -15.30 -24.14
C GLY A 286 -1.75 -14.09 -24.99
N SER A 287 -2.31 -13.04 -24.41
CA SER A 287 -2.65 -11.87 -25.16
C SER A 287 -1.45 -11.08 -25.60
N SER A 288 -1.58 -10.37 -26.72
CA SER A 288 -0.53 -9.43 -27.11
C SER A 288 -0.93 -8.04 -26.68
N SER A 289 -1.97 -7.81 -25.95
CA SER A 289 -2.29 -6.52 -25.32
C SER A 289 -1.87 -6.59 -23.88
N CYS A 290 -1.15 -5.59 -23.45
CA CYS A 290 -0.65 -5.47 -22.08
C CYS A 290 -1.32 -4.33 -21.34
N PHE A 291 -1.44 -4.52 -20.00
CA PHE A 291 -2.13 -3.51 -19.20
C PHE A 291 -1.12 -2.47 -18.70
N GLY A 292 -1.47 -1.18 -18.80
CA GLY A 292 -0.59 -0.16 -18.41
C GLY A 292 -0.59 0.07 -16.89
N GLY A 293 0.53 0.52 -16.39
CA GLY A 293 0.71 0.79 -14.99
C GLY A 293 0.41 2.22 -14.51
N ILE A 294 0.10 3.07 -15.49
CA ILE A 294 -0.35 4.45 -15.25
C ILE A 294 -1.77 4.48 -15.82
N GLN A 295 -2.74 4.87 -14.99
CA GLN A 295 -4.12 4.81 -15.35
C GLN A 295 -4.79 6.11 -14.85
N SER A 296 -5.94 6.43 -15.41
CA SER A 296 -6.66 7.59 -14.99
C SER A 296 -7.31 7.44 -13.68
N SER A 297 -7.28 8.54 -12.85
CA SER A 297 -8.00 8.61 -11.62
C SER A 297 -9.40 9.21 -11.74
N ALA A 298 -9.79 9.54 -12.95
CA ALA A 298 -11.03 10.21 -13.15
C ALA A 298 -12.20 9.49 -12.50
N GLY A 299 -12.32 8.21 -12.62
CA GLY A 299 -13.41 7.56 -11.81
C GLY A 299 -13.41 7.57 -10.27
N ILE A 300 -12.28 7.92 -9.66
CA ILE A 300 -11.95 7.65 -8.25
C ILE A 300 -12.19 8.78 -7.30
N GLY A 301 -11.91 9.99 -7.75
CA GLY A 301 -12.03 11.11 -6.85
C GLY A 301 -10.74 11.54 -6.19
N ILE A 302 -9.67 10.75 -6.35
CA ILE A 302 -8.39 11.16 -5.81
C ILE A 302 -7.28 10.55 -6.67
N ASN A 303 -6.14 11.22 -6.73
CA ASN A 303 -5.00 10.67 -7.38
C ASN A 303 -4.26 9.74 -6.41
N ILE A 304 -3.72 8.64 -6.93
CA ILE A 304 -3.11 7.64 -6.05
C ILE A 304 -1.74 7.29 -6.55
N PHE A 305 -0.74 7.58 -5.71
CA PHE A 305 0.60 7.17 -5.94
C PHE A 305 0.78 5.80 -5.31
N GLY A 306 0.47 4.77 -6.08
CA GLY A 306 0.56 3.45 -5.61
C GLY A 306 1.91 2.85 -5.87
N ASP A 307 2.03 1.55 -5.83
CA ASP A 307 3.31 0.84 -5.81
C ASP A 307 4.16 1.16 -7.04
N VAL A 308 3.58 1.35 -8.22
CA VAL A 308 4.35 1.70 -9.42
C VAL A 308 5.19 2.89 -9.19
N ALA A 309 4.66 3.89 -8.52
CA ALA A 309 5.45 5.08 -8.22
C ALA A 309 6.31 4.86 -7.03
N LEU A 310 5.77 4.33 -5.95
CA LEU A 310 6.47 4.24 -4.71
C LEU A 310 7.71 3.34 -4.83
N LYS A 311 7.66 2.30 -5.67
CA LYS A 311 8.79 1.41 -5.78
C LYS A 311 9.98 2.03 -6.49
N ALA A 312 9.75 3.13 -7.19
CA ALA A 312 10.86 3.89 -7.75
C ALA A 312 11.65 4.77 -6.75
N ALA A 313 11.16 4.81 -5.51
CA ALA A 313 11.70 5.70 -4.47
C ALA A 313 11.90 4.95 -3.18
N PHE A 314 12.72 5.57 -2.34
CA PHE A 314 12.78 5.39 -0.92
C PHE A 314 11.85 6.40 -0.31
N VAL A 315 10.84 5.94 0.44
CA VAL A 315 9.78 6.84 0.91
C VAL A 315 9.76 6.85 2.44
N VAL A 316 9.86 8.07 3.00
CA VAL A 316 9.79 8.25 4.44
C VAL A 316 8.43 8.82 4.84
N PHE A 317 7.75 8.07 5.68
CA PHE A 317 6.45 8.47 6.28
C PHE A 317 6.77 8.99 7.70
N ASN A 318 6.85 10.32 7.80
CA ASN A 318 7.23 11.00 9.01
C ASN A 318 6.01 11.38 9.81
N GLY A 319 5.85 10.66 10.91
CA GLY A 319 4.64 10.81 11.77
C GLY A 319 4.85 11.72 12.96
N ALA A 320 5.74 12.69 12.83
CA ALA A 320 5.89 13.74 13.82
C ALA A 320 4.58 14.53 13.96
N THR A 321 4.48 15.40 14.96
CA THR A 321 3.30 16.18 15.24
C THR A 321 2.71 16.83 13.99
N THR A 322 3.61 17.37 13.15
CA THR A 322 3.23 17.79 11.78
C THR A 322 3.84 16.78 10.83
N PRO A 323 3.00 15.94 10.27
CA PRO A 323 3.55 14.83 9.39
C PRO A 323 4.12 15.41 8.06
N THR A 324 5.08 14.67 7.50
CA THR A 324 5.63 14.98 6.22
C THR A 324 5.97 13.65 5.52
N LEU A 325 6.17 13.73 4.23
CA LEU A 325 6.59 12.63 3.40
C LEU A 325 7.93 12.97 2.77
N GLY A 326 8.85 12.03 2.73
CA GLY A 326 10.11 12.23 2.09
C GLY A 326 10.26 11.22 0.98
N PHE A 327 10.88 11.68 -0.10
CA PHE A 327 11.19 10.83 -1.24
C PHE A 327 12.63 10.95 -1.62
N ALA A 328 13.30 9.84 -1.88
CA ALA A 328 14.60 9.79 -2.45
C ALA A 328 14.68 8.83 -3.64
N SER A 329 15.57 9.10 -4.53
CA SER A 329 15.94 8.14 -5.55
C SER A 329 16.72 7.01 -4.93
N LYS A 330 16.79 5.89 -5.62
CA LYS A 330 17.50 4.73 -5.07
C LYS A 330 18.16 3.88 -6.17
N SER B 1 -4.93 -10.30 -10.11
CA SER B 1 -5.73 -9.06 -9.85
C SER B 1 -4.84 -7.87 -9.51
N LEU B 2 -5.44 -6.71 -9.73
CA LEU B 2 -4.87 -5.45 -9.21
C LEU B 2 -5.51 -5.14 -7.83
N PHE B 3 -4.81 -4.39 -7.03
CA PHE B 3 -5.26 -4.03 -5.70
C PHE B 3 -5.47 -2.55 -5.55
N HIS B 4 -6.33 -2.14 -4.66
CA HIS B 4 -6.81 -0.78 -4.55
C HIS B 4 -7.01 -0.43 -3.08
CD1 22G B 5 -7.71 3.72 -2.84
CE1 22G B 5 -8.65 3.78 -3.90
CZ 22G B 5 -9.80 4.46 -3.70
OH 22G B 5 -10.71 4.60 -4.68
CE2 22G B 5 -10.03 5.11 -2.47
CD2 22G B 5 -9.11 4.99 -1.42
CG 22G B 5 -7.93 4.32 -1.65
CB 22G B 5 -7.00 4.19 -0.52
C2 22G B 5 -7.05 2.76 0.13
C 22G B 5 -8.48 2.35 0.46
O 22G B 5 -9.10 1.55 -0.15
NAA 22G B 5 -6.49 1.79 -0.78
CAN 22G B 5 -5.92 0.59 -0.09
CA 22G B 5 -6.40 -0.78 -0.65
N 22G B 5 -6.13 -0.87 -2.11
CAO 22G B 5 -5.72 -1.87 0.06
CAS 22G B 5 -6.00 -3.27 -0.32
CAH 22G B 5 -5.00 -4.23 -0.24
CAF 22G B 5 -5.29 -5.54 -0.54
CAE 22G B 5 -6.57 -5.98 -0.84
CAG 22G B 5 -7.59 -5.05 -0.91
CAI 22G B 5 -7.28 -3.70 -0.59
N THR B 6 -8.90 2.99 1.68
CA THR B 6 -10.32 2.89 2.03
C THR B 6 -10.97 4.22 1.72
N PRO B 7 -11.98 4.20 0.85
CA PRO B 7 -12.59 5.43 0.42
C PRO B 7 -13.41 6.10 1.48
S SO4 C . -15.39 -8.48 -4.17
O1 SO4 C . -16.42 -9.55 -4.16
O2 SO4 C . -14.71 -8.27 -5.44
O3 SO4 C . -16.00 -7.25 -3.73
O4 SO4 C . -14.33 -8.92 -3.28
S SO4 D . 25.00 8.70 -2.74
O1 SO4 D . 24.59 7.28 -2.88
O2 SO4 D . 26.37 8.81 -3.10
O3 SO4 D . 24.17 9.51 -3.58
O4 SO4 D . 24.87 9.08 -1.32
S SO4 E . 16.82 18.27 -3.17
O1 SO4 E . 15.54 18.17 -2.46
O2 SO4 E . 17.03 17.53 -4.45
O3 SO4 E . 16.99 19.70 -3.57
O4 SO4 E . 18.00 18.01 -2.35
C1 GOL F . -19.69 8.65 20.67
O1 GOL F . -18.36 8.81 20.15
C2 GOL F . -19.93 9.79 21.63
O2 GOL F . -20.80 10.57 20.91
C3 GOL F . -20.64 9.58 22.96
O3 GOL F . -21.99 9.04 22.97
C1 GOL G . 17.56 -1.81 17.93
O1 GOL G . 17.40 -0.57 17.29
C2 GOL G . 16.39 -1.88 18.89
O2 GOL G . 16.77 -2.57 20.07
C3 GOL G . 15.35 -2.71 18.28
O3 GOL G . 14.31 -2.14 19.02
C1 GOL H . 19.47 14.31 -4.56
O1 GOL H . 18.56 15.50 -4.73
C2 GOL H . 20.93 14.61 -5.03
O2 GOL H . 20.91 15.55 -6.10
C3 GOL H . 22.00 15.09 -3.99
O3 GOL H . 21.25 15.65 -2.91
C1 GOL I . 15.39 4.82 -8.83
O1 GOL I . 14.96 5.98 -8.15
C2 GOL I . 14.48 4.60 -10.03
O2 GOL I . 14.66 5.69 -11.00
C3 GOL I . 14.79 3.23 -10.62
O3 GOL I . 16.07 3.35 -11.23
C1 GOL J . -1.80 17.97 -0.03
O1 GOL J . -3.30 18.23 -0.05
C2 GOL J . -0.99 19.19 0.39
O2 GOL J . -1.93 20.17 0.84
C3 GOL J . 0.04 19.13 1.51
O3 GOL J . -0.20 20.34 2.33
C1 GOL K . 22.08 2.90 -15.34
O1 GOL K . 22.70 3.39 -14.12
C2 GOL K . 20.56 2.80 -15.22
O2 GOL K . 20.11 4.10 -14.77
C3 GOL K . 19.90 2.53 -16.56
O3 GOL K . 20.77 1.90 -17.54
#